data_7EMG
#
_entry.id   7EMG
#
_cell.length_a   63.841
_cell.length_b   120.299
_cell.length_c   120.664
_cell.angle_alpha   90.000
_cell.angle_beta   90.000
_cell.angle_gamma   90.000
#
_symmetry.space_group_name_H-M   'C 2 2 21'
#
loop_
_entity.id
_entity.type
_entity.pdbx_description
1 polymer '3-oxoacyl-[acyl-carrier-protein] reductase'
2 non-polymer 'NADPH DIHYDRO-NICOTINAMIDE-ADENINE-DINUCLEOTIDE PHOSPHATE'
3 non-polymer 1,2-ETHANEDIOL
4 water water
#
_entity_poly.entity_id   1
_entity_poly.type   'polypeptide(L)'
_entity_poly.pdbx_seq_one_letter_code
;MGHHHHHHMSFEGKIVLVTGASRGIGRAIAETFVARGAKVIGTATSESGAEAISGYLGANGKGFMLNVKDAQSIDSVLAS
IRAEFGEIDILVNNAGITRDNLLMRMKDDEWEDILDTNLTSVFRLSKAVMCAMMKKRFGRIITIGSVVGTMGNAGQANYA
AAKAGLIGFSKSLAREVASRGITVNVVAPGYIETDMTRALTDDQRAGILSSVPANRPGDAKEIASAVAFLASDEAGYITG
ETLHVNGGMYMI
;
_entity_poly.pdbx_strand_id   A,B
#
loop_
_chem_comp.id
_chem_comp.type
_chem_comp.name
_chem_comp.formula
EDO non-polymer 1,2-ETHANEDIOL 'C2 H6 O2'
NDP non-polymer 'NADPH DIHYDRO-NICOTINAMIDE-ADENINE-DINUCLEOTIDE PHOSPHATE' 'C21 H30 N7 O17 P3'
#
# COMPACT_ATOMS: atom_id res chain seq x y z
N SER A 10 -32.73 -3.95 1.70
CA SER A 10 -33.25 -3.02 2.70
C SER A 10 -32.18 -2.67 3.73
N PHE A 11 -32.20 -1.41 4.17
CA PHE A 11 -31.23 -0.92 5.16
C PHE A 11 -31.94 -0.24 6.32
N GLU A 12 -33.18 -0.64 6.59
CA GLU A 12 -33.89 -0.06 7.73
C GLU A 12 -33.17 -0.39 9.02
N GLY A 13 -33.01 0.62 9.87
CA GLY A 13 -32.35 0.45 11.15
C GLY A 13 -30.84 0.50 11.15
N LYS A 14 -30.22 0.67 9.99
CA LYS A 14 -28.76 0.75 9.89
C LYS A 14 -28.33 2.20 9.72
N ILE A 15 -27.23 2.56 10.38
CA ILE A 15 -26.64 3.90 10.27
C ILE A 15 -25.42 3.81 9.36
N VAL A 16 -25.39 4.65 8.33
CA VAL A 16 -24.31 4.67 7.35
C VAL A 16 -23.54 5.97 7.49
N LEU A 17 -22.21 5.86 7.37
CA LEU A 17 -21.33 7.03 7.33
C LEU A 17 -20.52 6.98 6.05
N VAL A 18 -20.64 8.02 5.23
CA VAL A 18 -19.90 8.13 3.98
C VAL A 18 -19.00 9.35 4.08
N THR A 19 -17.69 9.13 4.04
CA THR A 19 -16.73 10.23 4.08
C THR A 19 -16.58 10.85 2.70
N GLY A 20 -16.52 12.18 2.66
CA GLY A 20 -16.41 12.88 1.40
C GLY A 20 -17.61 12.65 0.49
N ALA A 21 -18.76 13.20 0.86
CA ALA A 21 -20.00 12.95 0.15
C ALA A 21 -20.59 14.22 -0.44
N SER A 22 -19.73 15.18 -0.80
CA SER A 22 -20.22 16.44 -1.35
C SER A 22 -20.86 16.24 -2.72
N ARG A 23 -20.17 15.53 -3.61
CA ARG A 23 -20.60 15.39 -5.00
C ARG A 23 -20.05 14.09 -5.55
N GLY A 24 -20.32 13.86 -6.84
CA GLY A 24 -19.73 12.73 -7.54
C GLY A 24 -20.11 11.39 -6.93
N ILE A 25 -19.10 10.53 -6.78
CA ILE A 25 -19.34 9.17 -6.32
C ILE A 25 -19.80 9.16 -4.87
N GLY A 26 -19.22 10.03 -4.04
CA GLY A 26 -19.62 10.08 -2.64
C GLY A 26 -21.07 10.46 -2.45
N ARG A 27 -21.57 11.37 -3.29
CA ARG A 27 -22.97 11.77 -3.17
C ARG A 27 -23.91 10.65 -3.59
N ALA A 28 -23.63 10.02 -4.74
CA ALA A 28 -24.48 8.93 -5.21
C ALA A 28 -24.54 7.79 -4.19
N ILE A 29 -23.41 7.52 -3.53
CA ILE A 29 -23.38 6.48 -2.49
C ILE A 29 -24.31 6.86 -1.34
N ALA A 30 -24.16 8.09 -0.83
CA ALA A 30 -24.99 8.53 0.28
C ALA A 30 -26.47 8.56 -0.10
N GLU A 31 -26.78 9.01 -1.32
CA GLU A 31 -28.17 9.06 -1.75
C GLU A 31 -28.76 7.66 -1.95
N THR A 32 -27.92 6.70 -2.34
CA THR A 32 -28.41 5.33 -2.54
C THR A 32 -28.80 4.69 -1.22
N PHE A 33 -28.00 4.90 -0.17
CA PHE A 33 -28.33 4.33 1.14
C PHE A 33 -29.59 4.95 1.73
N VAL A 34 -29.83 6.24 1.46
CA VAL A 34 -31.08 6.86 1.87
C VAL A 34 -32.25 6.24 1.13
N ALA A 35 -32.08 5.96 -0.16
CA ALA A 35 -33.14 5.39 -0.98
C ALA A 35 -33.47 3.95 -0.59
N ARG A 36 -32.69 3.32 0.29
CA ARG A 36 -32.91 1.93 0.68
C ARG A 36 -33.13 1.78 2.18
N GLY A 37 -33.52 2.85 2.86
CA GLY A 37 -34.03 2.76 4.22
C GLY A 37 -33.06 3.08 5.34
N ALA A 38 -31.84 3.52 5.04
CA ALA A 38 -30.85 3.73 6.07
C ALA A 38 -30.84 5.18 6.54
N LYS A 39 -30.24 5.39 7.70
CA LYS A 39 -29.93 6.73 8.23
C LYS A 39 -28.47 7.02 7.91
N VAL A 40 -28.22 8.09 7.17
CA VAL A 40 -26.95 8.30 6.48
C VAL A 40 -26.29 9.58 6.96
N ILE A 41 -24.98 9.53 7.16
CA ILE A 41 -24.18 10.71 7.50
C ILE A 41 -23.11 10.87 6.42
N GLY A 42 -23.09 12.04 5.78
CA GLY A 42 -22.04 12.38 4.83
C GLY A 42 -21.13 13.44 5.43
N THR A 43 -19.89 13.48 4.97
CA THR A 43 -18.92 14.44 5.48
C THR A 43 -18.27 15.19 4.32
N ALA A 44 -17.80 16.40 4.63
CA ALA A 44 -17.07 17.23 3.69
C ALA A 44 -15.99 17.97 4.47
N THR A 45 -15.10 18.65 3.75
CA THR A 45 -14.07 19.45 4.39
C THR A 45 -14.52 20.87 4.70
N SER A 46 -15.52 21.36 3.99
CA SER A 46 -16.03 22.70 4.21
C SER A 46 -17.37 22.63 4.94
N GLU A 47 -17.57 23.55 5.89
CA GLU A 47 -18.91 23.76 6.42
C GLU A 47 -19.87 24.13 5.30
N SER A 48 -19.33 24.68 4.20
CA SER A 48 -20.07 24.85 2.94
C SER A 48 -20.63 23.52 2.48
N GLY A 49 -19.74 22.60 2.08
CA GLY A 49 -20.16 21.29 1.62
C GLY A 49 -20.88 20.48 2.66
N ALA A 50 -20.66 20.74 3.94
CA ALA A 50 -21.37 20.02 4.99
C ALA A 50 -22.85 20.32 4.94
N GLU A 51 -23.21 21.60 4.89
CA GLU A 51 -24.62 21.97 4.78
C GLU A 51 -25.21 21.54 3.44
N ALA A 52 -24.37 21.40 2.41
CA ALA A 52 -24.86 20.84 1.15
C ALA A 52 -25.24 19.38 1.31
N ILE A 53 -24.52 18.64 2.17
CA ILE A 53 -24.86 17.24 2.40
C ILE A 53 -26.12 17.13 3.25
N SER A 54 -26.23 17.96 4.30
CA SER A 54 -27.45 17.97 5.10
C SER A 54 -28.66 18.35 4.26
N GLY A 55 -28.45 19.10 3.18
CA GLY A 55 -29.54 19.48 2.30
C GLY A 55 -30.13 18.33 1.52
N TYR A 56 -29.29 17.60 0.77
CA TYR A 56 -29.82 16.54 -0.08
C TYR A 56 -30.17 15.27 0.69
N LEU A 57 -29.67 15.13 1.92
CA LEU A 57 -30.07 13.98 2.74
C LEU A 57 -31.43 14.20 3.36
N GLY A 58 -31.73 15.43 3.78
CA GLY A 58 -33.04 15.77 4.29
C GLY A 58 -33.31 15.29 5.70
N ALA A 59 -34.56 14.90 5.98
CA ALA A 59 -34.95 14.41 7.28
C ALA A 59 -34.40 13.03 7.59
N ASN A 60 -33.60 12.45 6.69
CA ASN A 60 -33.08 11.09 6.86
C ASN A 60 -31.56 11.07 7.02
N GLY A 61 -30.92 12.22 7.13
CA GLY A 61 -29.48 12.24 7.23
C GLY A 61 -28.98 13.63 7.56
N LYS A 62 -27.66 13.73 7.67
CA LYS A 62 -27.02 14.98 8.09
C LYS A 62 -25.60 15.02 7.54
N GLY A 63 -25.14 16.23 7.25
CA GLY A 63 -23.77 16.46 6.84
C GLY A 63 -22.92 16.97 8.00
N PHE A 64 -21.63 16.69 7.92
CA PHE A 64 -20.67 17.16 8.91
C PHE A 64 -19.39 17.59 8.21
N MET A 65 -18.75 18.61 8.75
CA MET A 65 -17.43 18.99 8.28
C MET A 65 -16.40 18.06 8.90
N LEU A 66 -15.60 17.40 8.07
CA LEU A 66 -14.64 16.43 8.55
C LEU A 66 -13.36 16.49 7.73
N ASN A 67 -12.23 16.63 8.42
CA ASN A 67 -10.90 16.55 7.83
C ASN A 67 -10.25 15.27 8.34
N VAL A 68 -10.09 14.29 7.44
CA VAL A 68 -9.55 12.99 7.83
C VAL A 68 -8.08 13.04 8.21
N LYS A 69 -7.41 14.16 7.95
CA LYS A 69 -6.03 14.35 8.37
C LYS A 69 -5.92 14.95 9.77
N ASP A 70 -7.05 15.31 10.39
CA ASP A 70 -7.08 15.89 11.72
C ASP A 70 -7.76 14.89 12.66
N ALA A 71 -7.01 14.41 13.65
CA ALA A 71 -7.57 13.45 14.59
C ALA A 71 -8.62 14.07 15.50
N GLN A 72 -8.52 15.38 15.76
CA GLN A 72 -9.56 16.06 16.52
C GLN A 72 -10.84 16.17 15.71
N SER A 73 -10.71 16.42 14.41
CA SER A 73 -11.89 16.48 13.55
C SER A 73 -12.58 15.12 13.46
N ILE A 74 -11.80 14.04 13.39
CA ILE A 74 -12.40 12.71 13.26
C ILE A 74 -13.18 12.35 14.51
N ASP A 75 -12.56 12.51 15.69
CA ASP A 75 -13.20 12.12 16.94
C ASP A 75 -14.40 13.02 17.25
N SER A 76 -14.33 14.31 16.88
CA SER A 76 -15.45 15.22 17.15
C SER A 76 -16.68 14.82 16.35
N VAL A 77 -16.52 14.56 15.05
CA VAL A 77 -17.65 14.16 14.22
C VAL A 77 -18.22 12.83 14.71
N LEU A 78 -17.35 11.91 15.10
CA LEU A 78 -17.81 10.61 15.59
C LEU A 78 -18.66 10.77 16.85
N ALA A 79 -18.25 11.65 17.77
CA ALA A 79 -19.03 11.89 18.97
C ALA A 79 -20.42 12.41 18.64
N SER A 80 -20.50 13.36 17.69
CA SER A 80 -21.79 13.88 17.28
C SER A 80 -22.67 12.79 16.69
N ILE A 81 -22.11 11.96 15.80
CA ILE A 81 -22.88 10.92 15.15
C ILE A 81 -23.43 9.94 16.18
N ARG A 82 -22.60 9.54 17.14
CA ARG A 82 -23.04 8.55 18.13
C ARG A 82 -24.08 9.13 19.08
N ALA A 83 -24.09 10.46 19.26
CA ALA A 83 -25.07 11.06 20.15
C ALA A 83 -26.38 11.37 19.44
N GLU A 84 -26.30 11.82 18.19
CA GLU A 84 -27.50 12.19 17.43
C GLU A 84 -28.14 11.01 16.70
N PHE A 85 -27.35 10.00 16.34
CA PHE A 85 -27.85 8.87 15.57
C PHE A 85 -27.59 7.53 16.24
N GLY A 86 -26.35 7.25 16.60
CA GLY A 86 -26.02 6.01 17.28
C GLY A 86 -24.77 5.38 16.69
N GLU A 87 -24.59 4.10 16.98
CA GLU A 87 -23.41 3.39 16.52
C GLU A 87 -23.48 3.14 15.02
N ILE A 88 -22.33 3.31 14.34
CA ILE A 88 -22.28 3.22 12.89
C ILE A 88 -22.21 1.76 12.48
N ASP A 89 -23.13 1.35 11.61
CA ASP A 89 -23.18 -0.02 11.11
C ASP A 89 -22.38 -0.23 9.84
N ILE A 90 -22.30 0.79 8.98
CA ILE A 90 -21.69 0.66 7.67
C ILE A 90 -20.77 1.86 7.44
N LEU A 91 -19.48 1.60 7.24
CA LEU A 91 -18.49 2.63 6.98
C LEU A 91 -18.05 2.54 5.52
N VAL A 92 -18.32 3.60 4.76
CA VAL A 92 -17.88 3.71 3.37
C VAL A 92 -16.77 4.75 3.33
N ASN A 93 -15.53 4.29 3.14
CA ASN A 93 -14.36 5.15 3.10
C ASN A 93 -14.20 5.70 1.69
N ASN A 94 -14.48 6.99 1.51
CA ASN A 94 -14.46 7.58 0.20
C ASN A 94 -13.62 8.85 0.09
N ALA A 95 -13.20 9.45 1.21
CA ALA A 95 -12.33 10.61 1.14
C ALA A 95 -11.07 10.30 0.35
N GLY A 96 -10.75 11.16 -0.61
CA GLY A 96 -9.60 10.94 -1.47
C GLY A 96 -9.29 12.09 -2.40
N ILE A 97 -8.00 12.33 -2.65
CA ILE A 97 -7.55 13.40 -3.52
C ILE A 97 -6.43 12.89 -4.41
N THR A 98 -6.17 13.62 -5.50
CA THR A 98 -5.06 13.35 -6.39
C THR A 98 -4.21 14.60 -6.52
N ARG A 99 -2.88 14.40 -6.52
CA ARG A 99 -1.90 15.46 -6.79
C ARG A 99 -0.81 14.80 -7.64
N ASP A 100 -1.09 14.68 -8.94
CA ASP A 100 -0.28 13.88 -9.83
C ASP A 100 1.00 14.61 -10.22
N ASN A 101 2.03 13.82 -10.54
CA ASN A 101 3.32 14.31 -10.98
C ASN A 101 4.17 13.12 -11.38
N LEU A 102 4.96 13.28 -12.45
CA LEU A 102 6.03 12.33 -12.71
C LEU A 102 6.96 12.31 -11.50
N LEU A 103 7.53 11.14 -11.22
CA LEU A 103 8.14 10.90 -9.91
C LEU A 103 9.26 11.90 -9.61
N MET A 104 10.14 12.15 -10.60
CA MET A 104 11.23 13.12 -10.38
C MET A 104 10.73 14.53 -10.26
N ARG A 105 9.44 14.79 -10.50
CA ARG A 105 8.84 16.10 -10.32
C ARG A 105 7.96 16.18 -9.08
N MET A 106 7.63 15.05 -8.47
CA MET A 106 6.72 15.01 -7.33
C MET A 106 7.47 15.43 -6.07
N LYS A 107 7.03 16.53 -5.45
CA LYS A 107 7.65 16.97 -4.20
C LYS A 107 7.09 16.16 -3.03
N ASP A 108 7.92 16.05 -1.98
CA ASP A 108 7.58 15.19 -0.84
C ASP A 108 6.22 15.53 -0.24
N ASP A 109 5.81 16.79 -0.32
CA ASP A 109 4.51 17.19 0.21
C ASP A 109 3.37 16.52 -0.55
N GLU A 110 3.51 16.39 -1.87
CA GLU A 110 2.45 15.76 -2.66
C GLU A 110 2.34 14.27 -2.36
N TRP A 111 3.47 13.61 -2.10
CA TRP A 111 3.43 12.22 -1.67
C TRP A 111 2.82 12.09 -0.28
N GLU A 112 3.15 13.02 0.62
CA GLU A 112 2.63 12.98 1.97
C GLU A 112 1.13 13.15 2.00
N ASP A 113 0.61 14.11 1.23
CA ASP A 113 -0.81 14.43 1.30
C ASP A 113 -1.68 13.29 0.78
N ILE A 114 -1.20 12.58 -0.24
CA ILE A 114 -1.98 11.46 -0.79
C ILE A 114 -2.06 10.33 0.22
N LEU A 115 -0.94 9.98 0.84
CA LEU A 115 -0.93 8.91 1.83
C LEU A 115 -1.78 9.25 3.04
N ASP A 116 -1.62 10.49 3.55
CA ASP A 116 -2.38 10.90 4.73
C ASP A 116 -3.87 10.99 4.45
N THR A 117 -4.26 11.33 3.23
CA THR A 117 -5.66 11.54 2.89
C THR A 117 -6.33 10.27 2.37
N ASN A 118 -5.62 9.45 1.61
CA ASN A 118 -6.22 8.31 0.94
C ASN A 118 -5.94 6.98 1.62
N LEU A 119 -4.89 6.88 2.44
CA LEU A 119 -4.52 5.62 3.08
C LEU A 119 -4.70 5.68 4.60
N THR A 120 -4.02 6.61 5.28
CA THR A 120 -4.13 6.71 6.73
C THR A 120 -5.56 7.00 7.19
N SER A 121 -6.36 7.63 6.33
CA SER A 121 -7.76 7.87 6.68
C SER A 121 -8.55 6.57 6.79
N VAL A 122 -8.24 5.60 5.93
CA VAL A 122 -8.92 4.31 6.01
C VAL A 122 -8.58 3.60 7.31
N PHE A 123 -7.32 3.70 7.74
CA PHE A 123 -6.92 3.07 9.00
C PHE A 123 -7.60 3.74 10.19
N ARG A 124 -7.71 5.06 10.17
CA ARG A 124 -8.24 5.79 11.32
C ARG A 124 -9.71 5.49 11.54
N LEU A 125 -10.53 5.65 10.50
CA LEU A 125 -11.97 5.50 10.67
C LEU A 125 -12.40 4.05 10.77
N SER A 126 -11.71 3.12 10.10
CA SER A 126 -12.01 1.70 10.29
C SER A 126 -11.74 1.28 11.73
N LYS A 127 -10.60 1.71 12.28
CA LYS A 127 -10.29 1.40 13.66
C LYS A 127 -11.30 2.02 14.62
N ALA A 128 -11.79 3.21 14.29
CA ALA A 128 -12.67 3.93 15.20
C ALA A 128 -14.07 3.34 15.23
N VAL A 129 -14.50 2.68 14.15
CA VAL A 129 -15.85 2.14 14.08
C VAL A 129 -15.93 0.66 14.42
N MET A 130 -14.81 -0.07 14.38
CA MET A 130 -14.89 -1.53 14.43
C MET A 130 -15.20 -2.07 15.82
N CYS A 131 -14.89 -1.31 16.88
CA CYS A 131 -15.17 -1.80 18.23
C CYS A 131 -16.66 -1.99 18.45
N ALA A 132 -17.48 -1.03 18.01
CA ALA A 132 -18.92 -1.18 18.13
C ALA A 132 -19.46 -2.23 17.17
N MET A 133 -18.87 -2.32 15.98
CA MET A 133 -19.30 -3.32 15.01
C MET A 133 -19.08 -4.74 15.56
N MET A 134 -17.98 -4.95 16.28
CA MET A 134 -17.72 -6.26 16.86
C MET A 134 -18.69 -6.58 17.98
N LYS A 135 -19.07 -5.59 18.79
CA LYS A 135 -20.03 -5.82 19.85
C LYS A 135 -21.40 -6.17 19.29
N LYS A 136 -21.77 -5.56 18.15
CA LYS A 136 -23.02 -5.87 17.49
C LYS A 136 -22.97 -7.19 16.72
N ARG A 137 -21.77 -7.72 16.46
CA ARG A 137 -21.57 -8.90 15.62
C ARG A 137 -22.10 -8.70 14.21
N PHE A 138 -22.06 -7.46 13.73
CA PHE A 138 -22.34 -7.15 12.34
C PHE A 138 -21.58 -5.89 11.97
N GLY A 139 -21.06 -5.86 10.75
CA GLY A 139 -20.36 -4.68 10.26
C GLY A 139 -20.04 -4.75 8.78
N ARG A 140 -19.98 -3.59 8.15
CA ARG A 140 -19.55 -3.48 6.75
C ARG A 140 -18.56 -2.33 6.65
N ILE A 141 -17.38 -2.60 6.08
CA ILE A 141 -16.38 -1.59 5.80
C ILE A 141 -16.06 -1.67 4.32
N ILE A 142 -16.37 -0.59 3.60
CA ILE A 142 -16.13 -0.50 2.16
C ILE A 142 -15.30 0.75 1.90
N THR A 143 -14.23 0.60 1.12
CA THR A 143 -13.36 1.70 0.77
C THR A 143 -13.35 1.88 -0.74
N ILE A 144 -13.58 3.10 -1.20
CA ILE A 144 -13.55 3.40 -2.63
C ILE A 144 -12.10 3.47 -3.07
N GLY A 145 -11.66 2.46 -3.82
CA GLY A 145 -10.31 2.44 -4.34
C GLY A 145 -10.23 3.08 -5.72
N SER A 146 -9.43 2.50 -6.60
CA SER A 146 -9.30 3.00 -7.96
C SER A 146 -8.67 1.91 -8.82
N VAL A 147 -9.04 1.89 -10.10
CA VAL A 147 -8.38 1.00 -11.05
C VAL A 147 -6.88 1.28 -11.08
N VAL A 148 -6.49 2.55 -10.86
CA VAL A 148 -5.09 2.94 -10.93
C VAL A 148 -4.27 2.22 -9.88
N GLY A 149 -4.87 1.92 -8.72
CA GLY A 149 -4.15 1.19 -7.68
C GLY A 149 -3.77 -0.22 -8.07
N THR A 150 -4.39 -0.77 -9.12
CA THR A 150 -4.11 -2.12 -9.58
C THR A 150 -3.33 -2.16 -10.89
N MET A 151 -3.71 -1.34 -11.87
CA MET A 151 -2.97 -1.30 -13.12
C MET A 151 -1.76 -0.38 -13.07
N GLY A 152 -1.74 0.58 -12.15
CA GLY A 152 -0.70 1.59 -12.14
C GLY A 152 -0.94 2.65 -13.20
N ASN A 153 -0.34 3.82 -13.06
CA ASN A 153 -0.52 4.88 -14.03
C ASN A 153 0.66 5.84 -13.93
N ALA A 154 1.14 6.29 -15.09
CA ALA A 154 2.25 7.23 -15.13
C ALA A 154 1.85 8.55 -14.51
N GLY A 155 2.71 9.08 -13.63
CA GLY A 155 2.44 10.32 -12.96
C GLY A 155 1.58 10.22 -11.72
N GLN A 156 1.20 9.01 -11.31
CA GLN A 156 0.30 8.81 -10.19
C GLN A 156 0.82 7.73 -9.25
N ALA A 157 2.14 7.70 -9.02
CA ALA A 157 2.71 6.70 -8.13
C ALA A 157 2.23 6.88 -6.70
N ASN A 158 1.94 8.12 -6.29
CA ASN A 158 1.45 8.35 -4.94
C ASN A 158 0.01 7.91 -4.80
N TYR A 159 -0.84 8.26 -5.76
CA TYR A 159 -2.23 7.82 -5.75
C TYR A 159 -2.33 6.31 -5.84
N ALA A 160 -1.57 5.71 -6.76
CA ALA A 160 -1.61 4.26 -6.93
C ALA A 160 -1.12 3.53 -5.69
N ALA A 161 -0.07 4.06 -5.05
CA ALA A 161 0.46 3.41 -3.85
C ALA A 161 -0.57 3.45 -2.71
N ALA A 162 -1.29 4.57 -2.57
CA ALA A 162 -2.31 4.65 -1.54
C ALA A 162 -3.51 3.77 -1.87
N LYS A 163 -3.94 3.78 -3.14
CA LYS A 163 -5.07 2.94 -3.53
C LYS A 163 -4.72 1.46 -3.45
N ALA A 164 -3.47 1.10 -3.77
CA ALA A 164 -3.04 -0.29 -3.62
C ALA A 164 -2.84 -0.64 -2.15
N GLY A 165 -2.49 0.35 -1.32
CA GLY A 165 -2.24 0.06 0.08
C GLY A 165 -3.50 -0.24 0.86
N LEU A 166 -4.60 0.44 0.52
CA LEU A 166 -5.86 0.19 1.21
C LEU A 166 -6.45 -1.18 0.88
N ILE A 167 -5.97 -1.84 -0.18
CA ILE A 167 -6.37 -3.21 -0.45
C ILE A 167 -5.62 -4.18 0.45
N GLY A 168 -4.31 -3.95 0.64
CA GLY A 168 -3.58 -4.72 1.63
C GLY A 168 -4.09 -4.52 3.03
N PHE A 169 -4.58 -3.31 3.33
CA PHE A 169 -5.18 -3.05 4.64
C PHE A 169 -6.47 -3.84 4.80
N SER A 170 -7.37 -3.76 3.80
CA SER A 170 -8.67 -4.41 3.93
C SER A 170 -8.54 -5.93 4.02
N LYS A 171 -7.58 -6.50 3.31
CA LYS A 171 -7.38 -7.95 3.37
C LYS A 171 -6.98 -8.39 4.78
N SER A 172 -6.07 -7.66 5.40
CA SER A 172 -5.64 -8.01 6.75
C SER A 172 -6.76 -7.78 7.75
N LEU A 173 -7.48 -6.66 7.65
CA LEU A 173 -8.57 -6.38 8.57
C LEU A 173 -9.70 -7.39 8.40
N ALA A 174 -9.97 -7.79 7.15
CA ALA A 174 -11.02 -8.79 6.91
C ALA A 174 -10.71 -10.09 7.64
N ARG A 175 -9.43 -10.51 7.64
CA ARG A 175 -9.03 -11.69 8.38
C ARG A 175 -9.18 -11.52 9.88
N GLU A 176 -9.18 -10.27 10.36
CA GLU A 176 -9.25 -10.03 11.80
C GLU A 176 -10.68 -10.04 12.32
N VAL A 177 -11.67 -9.74 11.47
CA VAL A 177 -13.02 -9.53 11.95
C VAL A 177 -14.04 -10.37 11.19
N ALA A 178 -13.55 -11.30 10.35
CA ALA A 178 -14.47 -12.11 9.56
C ALA A 178 -15.36 -12.99 10.44
N SER A 179 -14.79 -13.51 11.54
CA SER A 179 -15.54 -14.41 12.41
C SER A 179 -16.58 -13.69 13.26
N ARG A 180 -16.56 -12.36 13.31
CA ARG A 180 -17.52 -11.59 14.10
C ARG A 180 -18.51 -10.84 13.22
N GLY A 181 -18.86 -11.40 12.06
CA GLY A 181 -19.90 -10.86 11.24
C GLY A 181 -19.58 -9.56 10.55
N ILE A 182 -18.30 -9.19 10.46
CA ILE A 182 -17.87 -7.98 9.78
C ILE A 182 -17.11 -8.38 8.52
N THR A 183 -17.44 -7.74 7.39
CA THR A 183 -16.72 -7.92 6.15
C THR A 183 -16.07 -6.61 5.75
N VAL A 184 -14.91 -6.72 5.08
CA VAL A 184 -14.13 -5.57 4.67
C VAL A 184 -13.81 -5.73 3.18
N ASN A 185 -14.33 -4.83 2.35
CA ASN A 185 -14.19 -4.93 0.91
C ASN A 185 -13.81 -3.58 0.32
N VAL A 186 -13.47 -3.60 -0.95
CA VAL A 186 -13.05 -2.41 -1.68
C VAL A 186 -13.74 -2.41 -3.05
N VAL A 187 -14.31 -1.27 -3.43
CA VAL A 187 -14.85 -1.07 -4.76
C VAL A 187 -13.86 -0.21 -5.54
N ALA A 188 -13.42 -0.72 -6.69
CA ALA A 188 -12.37 -0.07 -7.47
C ALA A 188 -12.95 0.50 -8.75
N PRO A 189 -13.26 1.80 -8.79
CA PRO A 189 -13.82 2.38 -10.02
C PRO A 189 -12.76 2.56 -11.09
N GLY A 190 -13.23 2.55 -12.33
CA GLY A 190 -12.39 2.92 -13.46
C GLY A 190 -12.60 4.36 -13.86
N TYR A 191 -12.99 4.57 -15.11
CA TYR A 191 -13.23 5.90 -15.64
C TYR A 191 -14.67 6.27 -15.33
N ILE A 192 -14.86 7.13 -14.33
CA ILE A 192 -16.17 7.61 -13.91
C ILE A 192 -16.25 9.10 -14.22
N GLU A 193 -17.35 9.52 -14.83
CA GLU A 193 -17.55 10.93 -15.17
C GLU A 193 -17.92 11.71 -13.91
N THR A 194 -17.08 12.67 -13.55
CA THR A 194 -17.28 13.48 -12.36
C THR A 194 -18.09 14.73 -12.66
N ARG A 205 -10.06 12.63 -22.18
CA ARG A 205 -10.74 12.71 -23.46
C ARG A 205 -11.06 11.31 -23.98
N ALA A 206 -11.30 11.22 -25.30
CA ALA A 206 -11.46 9.92 -25.92
C ALA A 206 -10.18 9.10 -25.86
N GLY A 207 -9.04 9.72 -25.53
CA GLY A 207 -7.80 8.99 -25.43
C GLY A 207 -7.80 7.95 -24.34
N ILE A 208 -8.59 8.15 -23.29
CA ILE A 208 -8.70 7.17 -22.22
C ILE A 208 -9.95 6.33 -22.45
N LEU A 209 -10.95 6.90 -23.14
CA LEU A 209 -12.07 6.10 -23.57
C LEU A 209 -11.67 5.08 -24.63
N SER A 210 -10.50 5.26 -25.25
CA SER A 210 -9.95 4.25 -26.14
C SER A 210 -9.46 3.03 -25.37
N SER A 211 -9.26 3.15 -24.06
CA SER A 211 -8.84 2.04 -23.22
C SER A 211 -10.00 1.32 -22.55
N VAL A 212 -11.22 1.85 -22.67
CA VAL A 212 -12.40 1.27 -22.02
C VAL A 212 -13.15 0.46 -23.08
N PRO A 213 -13.13 -0.88 -23.02
CA PRO A 213 -13.92 -1.67 -23.98
C PRO A 213 -15.40 -1.33 -23.96
N ALA A 214 -15.94 -0.94 -22.80
CA ALA A 214 -17.33 -0.52 -22.72
C ALA A 214 -17.62 0.70 -23.60
N ASN A 215 -16.58 1.47 -23.95
CA ASN A 215 -16.69 2.60 -24.86
C ASN A 215 -17.57 3.72 -24.29
N ARG A 216 -17.59 3.87 -22.97
CA ARG A 216 -18.37 4.92 -22.34
C ARG A 216 -17.83 5.13 -20.93
N PRO A 217 -18.00 6.32 -20.36
CA PRO A 217 -17.61 6.52 -18.96
C PRO A 217 -18.61 5.87 -18.03
N GLY A 218 -18.14 5.58 -16.82
CA GLY A 218 -19.02 5.06 -15.80
C GLY A 218 -19.77 6.17 -15.09
N ASP A 219 -20.94 5.83 -14.57
CA ASP A 219 -21.76 6.77 -13.83
C ASP A 219 -21.47 6.65 -12.33
N ALA A 220 -21.59 7.78 -11.63
CA ALA A 220 -21.33 7.80 -10.20
C ALA A 220 -22.21 6.79 -9.46
N LYS A 221 -23.47 6.68 -9.86
CA LYS A 221 -24.37 5.75 -9.20
C LYS A 221 -24.05 4.30 -9.53
N GLU A 222 -23.31 4.04 -10.60
CA GLU A 222 -22.88 2.67 -10.87
C GLU A 222 -21.89 2.18 -9.83
N ILE A 223 -21.07 3.09 -9.28
CA ILE A 223 -20.24 2.75 -8.14
C ILE A 223 -21.10 2.59 -6.89
N ALA A 224 -22.15 3.40 -6.78
CA ALA A 224 -23.03 3.32 -5.62
C ALA A 224 -23.76 1.97 -5.57
N SER A 225 -24.20 1.47 -6.72
CA SER A 225 -24.86 0.17 -6.75
C SER A 225 -23.91 -0.93 -6.28
N ALA A 226 -22.63 -0.84 -6.66
CA ALA A 226 -21.63 -1.76 -6.15
C ALA A 226 -21.55 -1.68 -4.63
N VAL A 227 -21.22 -0.48 -4.12
CA VAL A 227 -21.10 -0.26 -2.68
C VAL A 227 -22.35 -0.75 -1.95
N ALA A 228 -23.53 -0.46 -2.51
CA ALA A 228 -24.78 -0.89 -1.86
C ALA A 228 -24.87 -2.41 -1.80
N PHE A 229 -24.46 -3.10 -2.87
CA PHE A 229 -24.51 -4.55 -2.86
C PHE A 229 -23.59 -5.13 -1.80
N LEU A 230 -22.35 -4.64 -1.72
CA LEU A 230 -21.42 -5.14 -0.72
C LEU A 230 -21.90 -4.85 0.70
N ALA A 231 -22.56 -3.72 0.91
CA ALA A 231 -23.02 -3.33 2.24
C ALA A 231 -24.26 -4.08 2.68
N SER A 232 -24.87 -4.88 1.81
CA SER A 232 -26.14 -5.53 2.11
C SER A 232 -25.92 -6.86 2.83
N ASP A 233 -26.98 -7.35 3.47
CA ASP A 233 -26.94 -8.66 4.11
C ASP A 233 -26.78 -9.78 3.10
N GLU A 234 -27.01 -9.51 1.81
CA GLU A 234 -26.81 -10.50 0.78
C GLU A 234 -25.32 -10.77 0.51
N ALA A 235 -24.43 -9.89 0.97
CA ALA A 235 -23.01 -10.00 0.70
C ALA A 235 -22.21 -10.35 1.95
N GLY A 236 -22.83 -11.09 2.88
CA GLY A 236 -22.16 -11.43 4.13
C GLY A 236 -21.01 -12.39 3.97
N TYR A 237 -20.91 -13.07 2.83
CA TYR A 237 -19.83 -14.01 2.57
C TYR A 237 -18.76 -13.43 1.65
N ILE A 238 -18.88 -12.16 1.26
CA ILE A 238 -17.87 -11.49 0.46
C ILE A 238 -17.03 -10.63 1.40
N THR A 239 -15.77 -11.00 1.59
CA THR A 239 -14.87 -10.22 2.43
C THR A 239 -13.45 -10.34 1.87
N GLY A 240 -12.67 -9.29 2.09
CA GLY A 240 -11.32 -9.24 1.53
C GLY A 240 -11.29 -9.22 0.01
N GLU A 241 -12.34 -8.69 -0.62
CA GLU A 241 -12.50 -8.72 -2.07
C GLU A 241 -12.49 -7.31 -2.63
N THR A 242 -11.97 -7.18 -3.84
CA THR A 242 -12.00 -5.94 -4.60
C THR A 242 -12.95 -6.11 -5.78
N LEU A 243 -14.03 -5.33 -5.80
CA LEU A 243 -15.00 -5.37 -6.88
C LEU A 243 -14.64 -4.28 -7.90
N HIS A 244 -14.28 -4.70 -9.11
CA HIS A 244 -13.82 -3.79 -10.15
C HIS A 244 -15.00 -3.33 -11.00
N VAL A 245 -15.26 -2.03 -10.98
CA VAL A 245 -16.30 -1.43 -11.82
C VAL A 245 -15.62 -0.45 -12.77
N ASN A 246 -15.07 -0.95 -13.88
CA ASN A 246 -14.28 -0.12 -14.78
C ASN A 246 -14.64 -0.27 -16.25
N GLY A 247 -15.63 -1.09 -16.59
CA GLY A 247 -16.01 -1.28 -17.97
C GLY A 247 -15.03 -2.07 -18.81
N GLY A 248 -14.08 -2.76 -18.18
CA GLY A 248 -13.11 -3.55 -18.89
C GLY A 248 -11.75 -2.90 -19.08
N MET A 249 -11.54 -1.71 -18.50
CA MET A 249 -10.24 -1.06 -18.59
C MET A 249 -9.14 -1.95 -18.05
N TYR A 250 -9.44 -2.71 -17.00
CA TYR A 250 -8.54 -3.72 -16.45
C TYR A 250 -9.38 -4.92 -16.06
N MET A 251 -8.79 -6.12 -16.22
CA MET A 251 -9.51 -7.36 -15.96
C MET A 251 -8.65 -8.24 -15.06
N ILE A 252 -9.19 -8.60 -13.90
CA ILE A 252 -8.47 -9.42 -12.93
C ILE A 252 -9.22 -10.74 -12.71
N SER B 10 26.51 -11.98 -14.54
CA SER B 10 27.61 -11.21 -13.98
C SER B 10 27.25 -9.74 -13.85
N PHE B 11 27.73 -9.10 -12.78
CA PHE B 11 27.46 -7.69 -12.53
C PHE B 11 28.75 -6.87 -12.48
N GLU B 12 29.75 -7.28 -13.24
CA GLU B 12 31.01 -6.55 -13.34
C GLU B 12 30.76 -5.12 -13.81
N GLY B 13 31.02 -4.15 -12.94
CA GLY B 13 30.84 -2.75 -13.25
C GLY B 13 29.60 -2.11 -12.66
N LYS B 14 28.72 -2.90 -12.05
CA LYS B 14 27.46 -2.38 -11.55
C LYS B 14 27.62 -1.87 -10.12
N ILE B 15 27.08 -0.67 -9.87
CA ILE B 15 27.02 -0.10 -8.53
C ILE B 15 25.67 -0.45 -7.93
N VAL B 16 25.67 -1.23 -6.86
CA VAL B 16 24.46 -1.78 -6.27
C VAL B 16 24.30 -1.23 -4.86
N LEU B 17 23.13 -0.64 -4.59
CA LEU B 17 22.78 -0.15 -3.26
C LEU B 17 21.74 -1.09 -2.66
N VAL B 18 22.04 -1.61 -1.48
CA VAL B 18 21.15 -2.52 -0.77
C VAL B 18 20.91 -1.94 0.63
N THR B 19 19.73 -1.38 0.83
CA THR B 19 19.39 -0.81 2.13
C THR B 19 19.05 -1.92 3.12
N GLY B 20 19.41 -1.72 4.38
CA GLY B 20 19.22 -2.74 5.39
C GLY B 20 19.93 -4.03 5.04
N ALA B 21 21.26 -4.05 5.15
CA ALA B 21 22.07 -5.15 4.66
C ALA B 21 22.83 -5.87 5.75
N SER B 22 22.48 -5.65 7.02
CA SER B 22 23.29 -6.20 8.10
C SER B 22 23.16 -7.72 8.21
N ARG B 23 21.99 -8.28 7.92
CA ARG B 23 21.74 -9.68 8.18
C ARG B 23 20.58 -10.16 7.32
N GLY B 24 20.39 -11.48 7.33
CA GLY B 24 19.23 -12.08 6.69
C GLY B 24 19.19 -11.81 5.19
N ILE B 25 18.00 -11.44 4.72
CA ILE B 25 17.80 -11.21 3.28
C ILE B 25 18.73 -10.11 2.78
N GLY B 26 18.79 -8.99 3.51
CA GLY B 26 19.64 -7.89 3.09
C GLY B 26 21.08 -8.32 2.86
N ARG B 27 21.67 -9.01 3.83
CA ARG B 27 23.06 -9.43 3.71
C ARG B 27 23.24 -10.44 2.59
N ALA B 28 22.35 -11.44 2.52
CA ALA B 28 22.43 -12.42 1.44
C ALA B 28 22.32 -11.75 0.07
N ILE B 29 21.53 -10.68 -0.04
CA ILE B 29 21.44 -9.94 -1.29
C ILE B 29 22.78 -9.29 -1.61
N ALA B 30 23.32 -8.53 -0.65
CA ALA B 30 24.61 -7.86 -0.85
C ALA B 30 25.72 -8.87 -1.11
N GLU B 31 25.69 -10.00 -0.40
CA GLU B 31 26.72 -11.02 -0.59
C GLU B 31 26.65 -11.62 -1.99
N THR B 32 25.46 -11.73 -2.56
CA THR B 32 25.33 -12.29 -3.90
C THR B 32 25.89 -11.34 -4.95
N PHE B 33 25.63 -10.04 -4.81
CA PHE B 33 26.15 -9.08 -5.78
C PHE B 33 27.67 -8.96 -5.69
N VAL B 34 28.22 -9.07 -4.48
CA VAL B 34 29.67 -9.04 -4.32
C VAL B 34 30.31 -10.18 -5.09
N ALA B 35 29.76 -11.39 -4.95
CA ALA B 35 30.33 -12.57 -5.59
C ALA B 35 30.21 -12.53 -7.11
N ARG B 36 29.34 -11.67 -7.65
CA ARG B 36 29.15 -11.57 -9.10
C ARG B 36 29.76 -10.29 -9.66
N GLY B 37 30.78 -9.76 -8.98
CA GLY B 37 31.59 -8.69 -9.53
C GLY B 37 31.06 -7.29 -9.39
N ALA B 38 30.07 -7.06 -8.54
CA ALA B 38 29.52 -5.73 -8.38
C ALA B 38 30.20 -4.97 -7.25
N LYS B 39 30.11 -3.66 -7.29
CA LYS B 39 30.52 -2.79 -6.19
C LYS B 39 29.28 -2.54 -5.33
N VAL B 40 29.24 -3.16 -4.15
CA VAL B 40 28.02 -3.29 -3.38
C VAL B 40 28.06 -2.34 -2.19
N ILE B 41 26.98 -1.59 -2.00
CA ILE B 41 26.85 -0.67 -0.89
C ILE B 41 25.66 -1.10 -0.05
N GLY B 42 25.94 -1.49 1.20
CA GLY B 42 24.90 -1.90 2.13
C GLY B 42 24.75 -0.88 3.23
N THR B 43 23.53 -0.76 3.76
CA THR B 43 23.23 0.19 4.81
C THR B 43 22.71 -0.52 6.05
N ALA B 44 22.95 0.12 7.19
CA ALA B 44 22.36 -0.27 8.47
C ALA B 44 21.91 0.98 9.18
N THR B 45 21.15 0.81 10.26
CA THR B 45 20.67 1.97 11.02
C THR B 45 21.69 2.49 12.01
N SER B 46 22.72 1.71 12.33
CA SER B 46 23.71 2.11 13.31
C SER B 46 25.10 2.11 12.68
N GLU B 47 25.97 2.98 13.20
CA GLU B 47 27.35 3.01 12.74
C GLU B 47 28.04 1.67 12.96
N SER B 48 27.68 0.98 14.05
CA SER B 48 28.23 -0.35 14.29
C SER B 48 27.80 -1.32 13.19
N GLY B 49 26.55 -1.23 12.75
CA GLY B 49 26.11 -2.03 11.61
C GLY B 49 26.79 -1.60 10.33
N ALA B 50 26.95 -0.29 10.13
CA ALA B 50 27.65 0.22 8.95
C ALA B 50 29.06 -0.35 8.87
N GLU B 51 29.78 -0.33 9.99
CA GLU B 51 31.13 -0.88 10.00
C GLU B 51 31.12 -2.41 9.92
N ALA B 52 30.07 -3.04 10.44
CA ALA B 52 29.96 -4.49 10.32
C ALA B 52 29.74 -4.91 8.86
N ILE B 53 29.02 -4.09 8.09
CA ILE B 53 28.82 -4.40 6.67
C ILE B 53 30.14 -4.30 5.92
N SER B 54 30.92 -3.26 6.21
CA SER B 54 32.22 -3.08 5.54
C SER B 54 33.13 -4.27 5.80
N GLY B 55 33.03 -4.87 6.98
CA GLY B 55 33.88 -6.00 7.31
C GLY B 55 33.67 -7.19 6.39
N TYR B 56 32.41 -7.58 6.18
CA TYR B 56 32.10 -8.71 5.33
C TYR B 56 31.98 -8.33 3.86
N LEU B 57 31.88 -7.03 3.54
CA LEU B 57 31.92 -6.61 2.14
C LEU B 57 33.35 -6.56 1.62
N GLY B 58 34.31 -6.22 2.46
CA GLY B 58 35.69 -6.20 2.03
C GLY B 58 35.97 -5.03 1.10
N ALA B 59 36.86 -5.26 0.13
CA ALA B 59 37.22 -4.22 -0.83
C ALA B 59 36.15 -4.03 -1.89
N ASN B 60 35.28 -5.02 -2.12
CA ASN B 60 34.24 -4.90 -3.13
C ASN B 60 33.16 -3.90 -2.75
N GLY B 61 33.10 -3.46 -1.50
CA GLY B 61 32.06 -2.54 -1.12
C GLY B 61 32.30 -1.93 0.25
N LYS B 62 31.23 -1.37 0.81
CA LYS B 62 31.31 -0.60 2.03
C LYS B 62 29.93 -0.55 2.67
N GLY B 63 29.91 -0.31 3.98
CA GLY B 63 28.68 -0.15 4.73
C GLY B 63 28.52 1.29 5.17
N PHE B 64 27.28 1.78 5.11
CA PHE B 64 26.95 3.14 5.52
C PHE B 64 25.82 3.11 6.54
N MET B 65 25.76 4.15 7.36
CA MET B 65 24.67 4.34 8.30
C MET B 65 23.62 5.23 7.64
N LEU B 66 22.41 4.69 7.45
CA LEU B 66 21.36 5.41 6.76
C LEU B 66 20.02 5.16 7.44
N ASN B 67 19.27 6.25 7.63
CA ASN B 67 17.90 6.19 8.14
C ASN B 67 16.97 6.63 7.02
N VAL B 68 16.10 5.72 6.58
CA VAL B 68 15.23 6.00 5.43
C VAL B 68 14.13 6.99 5.76
N LYS B 69 14.04 7.47 7.00
CA LYS B 69 13.02 8.43 7.39
C LYS B 69 13.54 9.86 7.48
N ASP B 70 14.85 10.06 7.33
CA ASP B 70 15.47 11.39 7.40
C ASP B 70 16.00 11.74 6.01
N ALA B 71 15.41 12.75 5.38
CA ALA B 71 15.87 13.19 4.08
C ALA B 71 17.32 13.69 4.13
N GLN B 72 17.73 14.24 5.27
CA GLN B 72 19.13 14.66 5.43
C GLN B 72 20.07 13.47 5.36
N SER B 73 19.72 12.38 6.05
CA SER B 73 20.55 11.18 6.02
C SER B 73 20.61 10.57 4.62
N ILE B 74 19.56 10.76 3.83
CA ILE B 74 19.53 10.20 2.48
C ILE B 74 20.40 11.01 1.54
N ASP B 75 20.29 12.34 1.58
CA ASP B 75 21.13 13.19 0.74
C ASP B 75 22.60 12.98 1.06
N SER B 76 22.93 12.78 2.33
CA SER B 76 24.33 12.61 2.73
C SER B 76 24.90 11.30 2.20
N VAL B 77 24.20 10.19 2.45
CA VAL B 77 24.72 8.87 2.09
C VAL B 77 24.86 8.74 0.58
N LEU B 78 23.86 9.21 -0.17
CA LEU B 78 23.91 9.10 -1.62
C LEU B 78 25.04 9.95 -2.20
N ALA B 79 25.22 11.17 -1.68
CA ALA B 79 26.38 11.96 -2.08
C ALA B 79 27.67 11.27 -1.70
N SER B 80 27.71 10.65 -0.51
CA SER B 80 28.88 9.89 -0.10
C SER B 80 29.11 8.71 -1.04
N ILE B 81 28.04 8.06 -1.47
CA ILE B 81 28.15 6.99 -2.46
C ILE B 81 28.64 7.54 -3.79
N ARG B 82 28.14 8.70 -4.19
CA ARG B 82 28.53 9.31 -5.46
C ARG B 82 30.02 9.63 -5.49
N ALA B 83 30.59 10.01 -4.36
CA ALA B 83 31.99 10.45 -4.33
C ALA B 83 32.95 9.26 -4.36
N GLU B 84 32.68 8.24 -3.54
CA GLU B 84 33.61 7.13 -3.37
C GLU B 84 33.32 5.94 -4.28
N PHE B 85 32.21 5.96 -5.02
CA PHE B 85 31.86 4.82 -5.86
C PHE B 85 31.30 5.26 -7.20
N GLY B 86 30.30 6.14 -7.18
CA GLY B 86 29.70 6.64 -8.40
C GLY B 86 28.20 6.57 -8.32
N GLU B 87 27.55 6.57 -9.49
CA GLU B 87 26.10 6.58 -9.58
C GLU B 87 25.56 5.16 -9.51
N ILE B 88 24.45 5.00 -8.79
CA ILE B 88 23.90 3.67 -8.51
C ILE B 88 23.26 3.11 -9.78
N ASP B 89 23.69 1.91 -10.16
CA ASP B 89 23.09 1.20 -11.28
C ASP B 89 21.89 0.35 -10.87
N ILE B 90 21.94 -0.23 -9.67
CA ILE B 90 20.92 -1.17 -9.20
C ILE B 90 20.57 -0.81 -7.77
N LEU B 91 19.31 -0.50 -7.51
CA LEU B 91 18.83 -0.16 -6.18
C LEU B 91 17.91 -1.26 -5.68
N VAL B 92 18.20 -1.78 -4.48
CA VAL B 92 17.43 -2.84 -3.87
C VAL B 92 16.90 -2.31 -2.54
N ASN B 93 15.61 -1.98 -2.51
CA ASN B 93 14.98 -1.46 -1.29
C ASN B 93 14.66 -2.63 -0.37
N ASN B 94 15.41 -2.75 0.73
CA ASN B 94 15.18 -3.80 1.71
C ASN B 94 14.96 -3.26 3.11
N ALA B 95 15.03 -1.95 3.31
CA ALA B 95 14.64 -1.37 4.59
C ALA B 95 13.17 -1.66 4.87
N GLY B 96 12.91 -2.27 6.02
CA GLY B 96 11.54 -2.65 6.36
C GLY B 96 11.43 -3.31 7.72
N ILE B 97 10.40 -2.92 8.48
CA ILE B 97 10.16 -3.43 9.82
C ILE B 97 8.73 -3.95 9.90
N THR B 98 8.43 -4.59 11.04
CA THR B 98 7.08 -5.02 11.36
C THR B 98 6.73 -4.48 12.75
N ARG B 99 5.55 -3.89 12.87
CA ARG B 99 5.03 -3.39 14.15
C ARG B 99 3.64 -4.00 14.33
N ASP B 100 3.61 -5.27 14.72
CA ASP B 100 2.38 -6.05 14.69
C ASP B 100 1.43 -5.63 15.80
N ASN B 101 0.13 -5.70 15.49
CA ASN B 101 -0.97 -5.46 16.43
C ASN B 101 -2.29 -5.65 15.70
N LEU B 102 -3.29 -6.21 16.38
CA LEU B 102 -4.64 -6.16 15.84
C LEU B 102 -5.08 -4.72 15.71
N LEU B 103 -5.99 -4.46 14.77
CA LEU B 103 -6.33 -3.08 14.43
C LEU B 103 -6.83 -2.30 15.63
N MET B 104 -7.67 -2.93 16.46
CA MET B 104 -8.20 -2.24 17.63
C MET B 104 -7.11 -1.92 18.66
N ARG B 105 -5.95 -2.56 18.56
CA ARG B 105 -4.83 -2.29 19.44
C ARG B 105 -3.70 -1.51 18.75
N MET B 106 -3.86 -1.20 17.47
CA MET B 106 -2.80 -0.56 16.70
C MET B 106 -2.72 0.91 17.05
N LYS B 107 -1.56 1.34 17.56
CA LYS B 107 -1.36 2.74 17.88
C LYS B 107 -1.05 3.53 16.61
N ASP B 108 -1.19 4.85 16.71
CA ASP B 108 -0.95 5.69 15.54
C ASP B 108 0.50 5.57 15.07
N ASP B 109 1.46 5.91 15.95
CA ASP B 109 2.87 5.89 15.56
C ASP B 109 3.29 4.57 14.90
N GLU B 110 2.63 3.46 15.27
CA GLU B 110 2.91 2.18 14.62
C GLU B 110 2.50 2.20 13.16
N TRP B 111 1.31 2.72 12.87
CA TRP B 111 0.89 2.89 11.48
C TRP B 111 1.81 3.86 10.75
N GLU B 112 2.13 5.00 11.38
CA GLU B 112 2.97 5.99 10.71
C GLU B 112 4.39 5.49 10.51
N ASP B 113 4.92 4.73 11.47
CA ASP B 113 6.28 4.24 11.34
C ASP B 113 6.42 3.26 10.19
N ILE B 114 5.39 2.44 9.97
CA ILE B 114 5.43 1.45 8.90
C ILE B 114 5.36 2.11 7.53
N LEU B 115 4.53 3.15 7.40
CA LEU B 115 4.39 3.83 6.11
C LEU B 115 5.65 4.61 5.76
N ASP B 116 6.30 5.22 6.75
CA ASP B 116 7.51 5.99 6.48
C ASP B 116 8.72 5.08 6.27
N THR B 117 8.76 3.92 6.93
CA THR B 117 9.92 3.05 6.83
C THR B 117 9.85 2.14 5.62
N ASN B 118 8.65 1.64 5.29
CA ASN B 118 8.51 0.62 4.25
C ASN B 118 7.87 1.13 2.97
N LEU B 119 7.18 2.27 2.99
CA LEU B 119 6.54 2.79 1.79
C LEU B 119 7.12 4.12 1.33
N THR B 120 7.14 5.12 2.20
CA THR B 120 7.71 6.41 1.82
C THR B 120 9.20 6.28 1.50
N SER B 121 9.88 5.33 2.14
CA SER B 121 11.29 5.08 1.82
C SER B 121 11.47 4.70 0.36
N VAL B 122 10.55 3.90 -0.17
CA VAL B 122 10.66 3.47 -1.56
C VAL B 122 10.48 4.66 -2.50
N PHE B 123 9.59 5.59 -2.16
CA PHE B 123 9.40 6.78 -2.98
C PHE B 123 10.65 7.66 -2.95
N ARG B 124 11.25 7.83 -1.78
CA ARG B 124 12.33 8.81 -1.64
C ARG B 124 13.62 8.32 -2.30
N LEU B 125 13.94 7.03 -2.18
CA LEU B 125 15.16 6.53 -2.78
C LEU B 125 15.03 6.34 -4.28
N SER B 126 13.85 5.97 -4.78
CA SER B 126 13.63 5.89 -6.21
C SER B 126 13.78 7.26 -6.86
N LYS B 127 13.26 8.30 -6.19
CA LYS B 127 13.37 9.66 -6.72
C LYS B 127 14.82 10.10 -6.87
N ALA B 128 15.70 9.60 -6.01
CA ALA B 128 17.07 10.11 -5.95
C ALA B 128 18.05 9.35 -6.82
N VAL B 129 17.72 8.13 -7.25
CA VAL B 129 18.67 7.34 -8.03
C VAL B 129 18.34 7.28 -9.51
N MET B 130 17.10 7.57 -9.90
CA MET B 130 16.68 7.29 -11.27
C MET B 130 17.00 8.43 -12.23
N CYS B 131 17.34 9.62 -11.73
CA CYS B 131 17.84 10.68 -12.60
C CYS B 131 19.10 10.20 -13.33
N ALA B 132 19.96 9.46 -12.64
CA ALA B 132 21.16 8.92 -13.26
C ALA B 132 20.86 7.68 -14.11
N MET B 133 19.88 6.88 -13.70
CA MET B 133 19.50 5.71 -14.49
C MET B 133 18.90 6.12 -15.83
N MET B 134 18.22 7.26 -15.89
CA MET B 134 17.58 7.68 -17.12
C MET B 134 18.60 8.16 -18.15
N LYS B 135 19.55 9.00 -17.71
CA LYS B 135 20.55 9.52 -18.65
C LYS B 135 21.51 8.44 -19.13
N LYS B 136 21.70 7.38 -18.34
CA LYS B 136 22.49 6.24 -18.74
C LYS B 136 21.66 5.16 -19.42
N ARG B 137 20.38 5.43 -19.67
CA ARG B 137 19.42 4.51 -20.30
C ARG B 137 19.60 3.06 -19.81
N PHE B 138 19.75 2.93 -18.50
CA PHE B 138 19.76 1.62 -17.85
C PHE B 138 19.50 1.83 -16.36
N GLY B 139 18.77 0.89 -15.77
CA GLY B 139 18.50 0.97 -14.35
C GLY B 139 17.71 -0.24 -13.89
N ARG B 140 17.82 -0.50 -12.59
CA ARG B 140 17.08 -1.57 -11.93
C ARG B 140 16.63 -1.07 -10.56
N ILE B 141 15.34 -1.13 -10.29
CA ILE B 141 14.78 -0.77 -8.99
C ILE B 141 13.97 -1.97 -8.50
N ILE B 142 14.47 -2.66 -7.48
CA ILE B 142 13.85 -3.87 -6.95
C ILE B 142 13.59 -3.64 -5.47
N THR B 143 12.33 -3.81 -5.06
CA THR B 143 11.94 -3.68 -3.67
C THR B 143 11.50 -5.03 -3.13
N ILE B 144 11.96 -5.36 -1.93
CA ILE B 144 11.53 -6.58 -1.25
C ILE B 144 10.19 -6.27 -0.59
N GLY B 145 9.12 -6.84 -1.12
CA GLY B 145 7.81 -6.71 -0.51
C GLY B 145 7.57 -7.84 0.47
N SER B 146 6.40 -8.46 0.40
CA SER B 146 6.09 -9.61 1.24
C SER B 146 4.82 -10.25 0.73
N VAL B 147 4.71 -11.56 0.96
CA VAL B 147 3.48 -12.29 0.66
C VAL B 147 2.31 -11.67 1.40
N VAL B 148 2.57 -11.00 2.52
CA VAL B 148 1.51 -10.35 3.30
C VAL B 148 0.84 -9.25 2.49
N GLY B 149 1.59 -8.57 1.61
CA GLY B 149 1.01 -7.52 0.80
C GLY B 149 -0.04 -7.99 -0.19
N THR B 150 0.00 -9.27 -0.56
CA THR B 150 -0.97 -9.87 -1.47
C THR B 150 -2.02 -10.69 -0.74
N MET B 151 -1.63 -11.39 0.31
CA MET B 151 -2.50 -12.31 1.04
C MET B 151 -3.19 -11.65 2.22
N GLY B 152 -2.59 -10.61 2.79
CA GLY B 152 -3.11 -10.03 4.02
C GLY B 152 -2.77 -10.89 5.20
N ASN B 153 -2.88 -10.35 6.41
CA ASN B 153 -2.56 -11.12 7.60
C ASN B 153 -3.10 -10.41 8.84
N ALA B 154 -3.78 -11.17 9.70
CA ALA B 154 -4.28 -10.63 10.94
C ALA B 154 -3.14 -10.07 11.78
N GLY B 155 -3.31 -8.85 12.28
CA GLY B 155 -2.32 -8.20 13.11
C GLY B 155 -1.25 -7.43 12.37
N GLN B 156 -1.31 -7.38 11.04
CA GLN B 156 -0.31 -6.70 10.23
C GLN B 156 -0.96 -5.81 9.19
N ALA B 157 -2.08 -5.18 9.55
CA ALA B 157 -2.75 -4.28 8.61
C ALA B 157 -1.85 -3.14 8.19
N ASN B 158 -1.01 -2.65 9.11
CA ASN B 158 -0.02 -1.65 8.75
C ASN B 158 1.01 -2.22 7.78
N TYR B 159 1.53 -3.40 8.09
CA TYR B 159 2.54 -4.04 7.24
C TYR B 159 1.99 -4.30 5.84
N ALA B 160 0.81 -4.93 5.76
CA ALA B 160 0.24 -5.28 4.47
C ALA B 160 -0.06 -4.03 3.63
N ALA B 161 -0.52 -2.96 4.28
CA ALA B 161 -0.78 -1.72 3.56
C ALA B 161 0.49 -1.19 2.91
N ALA B 162 1.60 -1.22 3.63
CA ALA B 162 2.87 -0.74 3.07
C ALA B 162 3.38 -1.67 1.99
N LYS B 163 3.33 -2.99 2.22
CA LYS B 163 3.86 -3.94 1.25
C LYS B 163 3.03 -3.96 -0.03
N ALA B 164 1.72 -3.74 0.07
CA ALA B 164 0.90 -3.61 -1.12
C ALA B 164 1.07 -2.25 -1.78
N GLY B 165 1.37 -1.22 -0.99
CA GLY B 165 1.53 0.12 -1.55
C GLY B 165 2.71 0.24 -2.48
N LEU B 166 3.83 -0.42 -2.14
CA LEU B 166 5.00 -0.35 -3.01
C LEU B 166 4.80 -1.11 -4.31
N ILE B 167 3.79 -1.98 -4.39
CA ILE B 167 3.50 -2.65 -5.65
C ILE B 167 2.81 -1.67 -6.61
N GLY B 168 1.78 -0.98 -6.14
CA GLY B 168 1.15 0.04 -6.97
C GLY B 168 2.12 1.15 -7.34
N PHE B 169 2.98 1.54 -6.39
CA PHE B 169 4.04 2.50 -6.70
C PHE B 169 4.94 1.97 -7.80
N SER B 170 5.38 0.71 -7.67
CA SER B 170 6.30 0.14 -8.66
C SER B 170 5.65 0.09 -10.03
N LYS B 171 4.38 -0.31 -10.11
CA LYS B 171 3.69 -0.38 -11.40
C LYS B 171 3.62 0.99 -12.04
N SER B 172 3.36 2.03 -11.25
CA SER B 172 3.29 3.37 -11.80
C SER B 172 4.66 3.87 -12.25
N LEU B 173 5.68 3.65 -11.42
CA LEU B 173 7.03 4.07 -11.78
C LEU B 173 7.53 3.33 -13.02
N ALA B 174 7.16 2.05 -13.14
CA ALA B 174 7.58 1.28 -14.32
C ALA B 174 7.05 1.90 -15.60
N ARG B 175 5.75 2.25 -15.62
CA ARG B 175 5.17 2.90 -16.79
C ARG B 175 5.88 4.21 -17.14
N GLU B 176 6.43 4.89 -16.12
CA GLU B 176 7.09 6.18 -16.37
C GLU B 176 8.43 6.00 -17.07
N VAL B 177 9.18 4.96 -16.70
CA VAL B 177 10.59 4.84 -17.07
C VAL B 177 10.87 3.62 -17.92
N ALA B 178 9.86 2.82 -18.28
CA ALA B 178 10.11 1.59 -19.01
C ALA B 178 10.80 1.85 -20.34
N SER B 179 10.41 2.92 -21.03
CA SER B 179 10.99 3.24 -22.33
C SER B 179 12.42 3.74 -22.25
N ARG B 180 12.99 3.88 -21.05
CA ARG B 180 14.38 4.32 -20.91
C ARG B 180 15.27 3.24 -20.31
N GLY B 181 14.90 1.96 -20.49
CA GLY B 181 15.72 0.86 -20.05
C GLY B 181 15.72 0.60 -18.56
N ILE B 182 14.86 1.27 -17.79
CA ILE B 182 14.76 1.08 -16.35
C ILE B 182 13.55 0.21 -16.07
N THR B 183 13.77 -0.86 -15.31
CA THR B 183 12.68 -1.72 -14.85
C THR B 183 12.52 -1.58 -13.34
N VAL B 184 11.27 -1.65 -12.89
CA VAL B 184 10.91 -1.50 -11.49
C VAL B 184 10.10 -2.73 -11.08
N ASN B 185 10.62 -3.50 -10.13
CA ASN B 185 10.03 -4.79 -9.81
C ASN B 185 10.04 -5.01 -8.31
N VAL B 186 9.35 -6.08 -7.89
CA VAL B 186 9.16 -6.42 -6.49
C VAL B 186 9.35 -7.92 -6.32
N VAL B 187 10.13 -8.32 -5.33
CA VAL B 187 10.27 -9.73 -4.94
C VAL B 187 9.52 -9.91 -3.63
N ALA B 188 8.56 -10.83 -3.62
CA ALA B 188 7.67 -11.00 -2.46
C ALA B 188 8.02 -12.28 -1.72
N PRO B 189 8.81 -12.22 -0.64
CA PRO B 189 9.19 -13.45 0.06
C PRO B 189 8.03 -14.01 0.88
N GLY B 190 8.09 -15.32 1.09
CA GLY B 190 7.18 -15.97 2.00
C GLY B 190 7.80 -16.16 3.37
N TYR B 191 7.74 -17.39 3.89
CA TYR B 191 8.32 -17.73 5.18
C TYR B 191 9.81 -18.01 4.97
N ILE B 192 10.65 -17.05 5.34
CA ILE B 192 12.10 -17.15 5.18
C ILE B 192 12.72 -17.32 6.57
N GLU B 193 13.68 -18.24 6.67
CA GLU B 193 14.28 -18.59 7.95
C GLU B 193 15.30 -17.53 8.34
N THR B 194 14.90 -16.64 9.24
CA THR B 194 15.81 -15.71 9.89
C THR B 194 16.18 -16.27 11.25
N ASP B 195 16.89 -15.48 12.07
CA ASP B 195 17.18 -15.92 13.42
C ASP B 195 15.95 -15.85 14.31
N MET B 196 15.07 -14.87 14.07
CA MET B 196 13.79 -14.84 14.77
C MET B 196 12.93 -16.05 14.40
N THR B 197 13.16 -16.65 13.23
CA THR B 197 12.49 -17.90 12.88
C THR B 197 12.97 -19.05 13.76
N ARG B 198 14.30 -19.22 13.86
CA ARG B 198 14.92 -20.26 14.67
C ARG B 198 14.74 -20.04 16.16
N ALA B 199 14.00 -19.01 16.60
CA ALA B 199 13.85 -18.71 18.01
C ALA B 199 12.43 -18.90 18.53
N LEU B 200 11.48 -19.21 17.66
CA LEU B 200 10.12 -19.50 18.11
C LEU B 200 9.97 -20.98 18.42
N THR B 201 8.90 -21.31 19.15
CA THR B 201 8.70 -22.69 19.58
C THR B 201 8.43 -23.59 18.39
N ASP B 202 8.78 -24.87 18.56
CA ASP B 202 8.48 -25.87 17.52
C ASP B 202 7.00 -25.93 17.22
N ASP B 203 6.17 -25.61 18.21
CA ASP B 203 4.74 -25.45 17.96
C ASP B 203 4.48 -24.32 16.97
N GLN B 204 5.15 -23.19 17.15
CA GLN B 204 5.02 -22.07 16.21
C GLN B 204 5.56 -22.45 14.84
N ARG B 205 6.77 -23.02 14.80
CA ARG B 205 7.41 -23.36 13.54
C ARG B 205 6.52 -24.24 12.67
N ALA B 206 6.00 -25.33 13.26
CA ALA B 206 5.16 -26.25 12.49
C ALA B 206 3.87 -25.58 12.03
N GLY B 207 3.38 -24.59 12.78
CA GLY B 207 2.15 -23.93 12.39
C GLY B 207 2.24 -23.24 11.05
N ILE B 208 3.31 -22.44 10.86
CA ILE B 208 3.51 -21.77 9.59
C ILE B 208 3.77 -22.78 8.47
N LEU B 209 4.55 -23.82 8.78
CA LEU B 209 4.90 -24.80 7.76
C LEU B 209 3.67 -25.54 7.24
N SER B 210 2.63 -25.66 8.06
CA SER B 210 1.42 -26.36 7.63
C SER B 210 0.74 -25.66 6.45
N SER B 211 1.00 -24.37 6.26
CA SER B 211 0.45 -23.61 5.15
C SER B 211 1.44 -23.42 4.02
N VAL B 212 2.61 -24.07 4.08
CA VAL B 212 3.63 -23.99 3.05
C VAL B 212 3.68 -25.35 2.35
N PRO B 213 3.17 -25.46 1.12
CA PRO B 213 3.25 -26.76 0.41
C PRO B 213 4.67 -27.28 0.28
N ALA B 214 5.65 -26.39 0.08
CA ALA B 214 7.04 -26.80 0.02
C ALA B 214 7.52 -27.45 1.32
N ASN B 215 6.76 -27.30 2.40
CA ASN B 215 7.03 -27.99 3.66
C ASN B 215 8.41 -27.65 4.21
N ARG B 216 8.84 -26.41 4.01
CA ARG B 216 10.12 -25.95 4.52
C ARG B 216 10.15 -24.44 4.50
N PRO B 217 10.87 -23.80 5.41
CA PRO B 217 11.09 -22.36 5.31
C PRO B 217 11.99 -22.04 4.13
N GLY B 218 11.83 -20.83 3.61
CA GLY B 218 12.73 -20.35 2.59
C GLY B 218 14.05 -19.89 3.16
N ASP B 219 15.06 -19.84 2.30
CA ASP B 219 16.40 -19.41 2.69
C ASP B 219 16.66 -18.02 2.14
N ALA B 220 17.40 -17.22 2.92
CA ALA B 220 17.63 -15.82 2.56
C ALA B 220 18.29 -15.69 1.19
N LYS B 221 19.18 -16.62 0.83
CA LYS B 221 19.84 -16.56 -0.47
C LYS B 221 18.88 -16.87 -1.61
N GLU B 222 17.79 -17.60 -1.34
CA GLU B 222 16.80 -17.84 -2.39
C GLU B 222 16.09 -16.55 -2.79
N ILE B 223 15.87 -15.64 -1.84
CA ILE B 223 15.43 -14.30 -2.18
C ILE B 223 16.53 -13.56 -2.92
N ALA B 224 17.78 -13.75 -2.52
CA ALA B 224 18.89 -13.09 -3.19
C ALA B 224 19.01 -13.56 -4.64
N SER B 225 18.73 -14.85 -4.88
CA SER B 225 18.75 -15.36 -6.25
C SER B 225 17.70 -14.67 -7.11
N ALA B 226 16.50 -14.48 -6.57
CA ALA B 226 15.44 -13.82 -7.32
C ALA B 226 15.77 -12.34 -7.56
N VAL B 227 16.26 -11.67 -6.53
CA VAL B 227 16.70 -10.28 -6.69
C VAL B 227 17.80 -10.19 -7.73
N ALA B 228 18.72 -11.15 -7.72
CA ALA B 228 19.82 -11.14 -8.69
C ALA B 228 19.30 -11.30 -10.11
N PHE B 229 18.30 -12.18 -10.30
CA PHE B 229 17.79 -12.41 -11.65
C PHE B 229 17.12 -11.17 -12.22
N LEU B 230 16.21 -10.57 -11.45
CA LEU B 230 15.51 -9.38 -11.93
C LEU B 230 16.49 -8.23 -12.20
N ALA B 231 17.61 -8.19 -11.48
CA ALA B 231 18.60 -7.15 -11.71
C ALA B 231 19.52 -7.44 -12.89
N SER B 232 19.65 -8.70 -13.29
CA SER B 232 20.49 -9.05 -14.40
C SER B 232 19.97 -8.44 -15.69
N ASP B 233 20.85 -8.33 -16.68
CA ASP B 233 20.49 -7.79 -17.98
C ASP B 233 19.65 -8.77 -18.80
N GLU B 234 19.38 -9.96 -18.28
CA GLU B 234 18.47 -10.91 -18.89
C GLU B 234 17.01 -10.65 -18.52
N ALA B 235 16.72 -9.51 -17.89
CA ALA B 235 15.37 -9.20 -17.41
C ALA B 235 14.94 -7.80 -17.83
N GLY B 236 15.46 -7.31 -18.96
CA GLY B 236 15.08 -6.00 -19.44
C GLY B 236 13.63 -5.88 -19.85
N TYR B 237 12.99 -7.00 -20.20
CA TYR B 237 11.59 -7.02 -20.58
C TYR B 237 10.67 -7.37 -19.42
N ILE B 238 11.18 -7.37 -18.19
CA ILE B 238 10.38 -7.62 -17.00
C ILE B 238 10.33 -6.33 -16.20
N THR B 239 9.17 -5.67 -16.20
CA THR B 239 8.98 -4.46 -15.43
C THR B 239 7.55 -4.41 -14.90
N GLY B 240 7.39 -3.79 -13.73
CA GLY B 240 6.09 -3.75 -13.09
C GLY B 240 5.58 -5.09 -12.62
N GLU B 241 6.47 -6.04 -12.35
CA GLU B 241 6.10 -7.41 -12.01
C GLU B 241 6.43 -7.71 -10.55
N THR B 242 5.66 -8.64 -9.97
CA THR B 242 5.89 -9.13 -8.62
C THR B 242 6.30 -10.59 -8.69
N LEU B 243 7.52 -10.89 -8.26
CA LEU B 243 8.06 -12.26 -8.27
C LEU B 243 7.91 -12.84 -6.87
N HIS B 244 7.01 -13.82 -6.75
CA HIS B 244 6.70 -14.42 -5.45
C HIS B 244 7.62 -15.61 -5.19
N VAL B 245 8.27 -15.61 -4.03
CA VAL B 245 9.14 -16.70 -3.59
C VAL B 245 8.67 -17.18 -2.23
N ASN B 246 7.64 -18.03 -2.20
CA ASN B 246 6.99 -18.41 -0.96
C ASN B 246 6.77 -19.92 -0.83
N GLY B 247 7.29 -20.73 -1.74
CA GLY B 247 7.10 -22.17 -1.66
C GLY B 247 5.66 -22.62 -1.80
N GLY B 248 4.82 -21.83 -2.44
CA GLY B 248 3.43 -22.19 -2.64
C GLY B 248 2.48 -21.71 -1.57
N MET B 249 2.95 -20.92 -0.61
CA MET B 249 2.08 -20.42 0.46
C MET B 249 0.92 -19.62 -0.12
N TYR B 250 1.17 -18.85 -1.17
CA TYR B 250 0.15 -18.13 -1.90
C TYR B 250 0.50 -18.20 -3.38
N MET B 251 -0.51 -18.47 -4.21
CA MET B 251 -0.31 -18.65 -5.64
C MET B 251 -1.12 -17.63 -6.42
N ILE B 252 -0.45 -16.80 -7.21
CA ILE B 252 -1.11 -15.77 -8.00
C ILE B 252 -0.86 -16.01 -9.48
PA NDP C . -14.38 14.48 -5.03
O1A NDP C . -14.11 15.46 -6.12
O2A NDP C . -15.78 14.07 -4.65
O5B NDP C . -13.61 14.98 -3.67
C5B NDP C . -13.39 13.80 -2.99
C4B NDP C . -13.90 13.95 -1.58
O4B NDP C . -12.79 13.96 -0.69
C3B NDP C . -14.67 15.28 -1.47
O3B NDP C . -15.93 15.07 -0.92
C2B NDP C . -13.82 16.09 -0.46
O2B NDP C . -14.53 16.81 0.39
C1B NDP C . -13.10 14.91 0.29
N9A NDP C . -11.83 15.35 0.90
C8A NDP C . -10.74 15.97 0.29
N7A NDP C . -9.73 16.25 1.15
C5A NDP C . -10.21 15.78 2.38
C6A NDP C . -9.66 15.77 3.66
N6A NDP C . -8.40 16.29 3.89
N1A NDP C . -10.33 15.25 4.73
C2A NDP C . -11.58 14.74 4.44
N3A NDP C . -12.25 14.68 3.29
C4A NDP C . -11.53 15.21 2.24
O3 NDP C . -13.63 13.16 -5.61
PN NDP C . -14.66 12.31 -6.47
O1N NDP C . -13.90 11.51 -7.44
O2N NDP C . -15.98 12.99 -6.79
O5D NDP C . -15.23 11.04 -5.40
C5D NDP C . -14.79 9.90 -6.00
C4D NDP C . -13.97 9.13 -5.03
O4D NDP C . -13.53 7.91 -5.63
C3D NDP C . -12.70 9.93 -4.69
O3D NDP C . -12.21 9.43 -3.48
C2D NDP C . -11.79 9.56 -5.85
O2D NDP C . -10.44 9.62 -5.51
C1D NDP C . -12.18 8.05 -6.03
N1N NDP C . -12.09 7.63 -7.43
C2N NDP C . -12.52 8.45 -8.46
C3N NDP C . -12.14 8.18 -9.74
C7N NDP C . -12.61 9.05 -10.79
O7N NDP C . -12.61 8.75 -11.99
N7N NDP C . -13.08 10.30 -10.43
C4N NDP C . -11.26 7.03 -10.06
C5N NDP C . -11.22 6.04 -8.98
C6N NDP C . -11.61 6.36 -7.74
P2B NDP C . -14.79 18.51 -0.24
O1X NDP C . -14.96 19.16 1.10
O2X NDP C . -16.05 18.38 -1.12
O3X NDP C . -13.48 18.67 -0.93
C1 EDO D . -8.68 6.35 -14.42
O1 EDO D . -9.70 7.20 -13.91
C2 EDO D . -7.43 7.20 -14.72
O2 EDO D . -7.09 7.95 -13.56
PA NDP E . 14.43 -5.34 11.40
O1A NDP E . 14.69 -4.64 12.69
O2A NDP E . 13.08 -5.90 11.06
O5B NDP E . 14.95 -4.38 10.17
C5B NDP E . 15.61 -5.26 9.33
C4B NDP E . 16.48 -4.46 8.40
O4B NDP E . 15.82 -3.24 8.07
C3B NDP E . 17.81 -4.15 9.13
O3B NDP E . 18.85 -4.09 8.22
C2B NDP E . 17.53 -2.75 9.66
O2B NDP E . 18.62 -2.00 9.83
C1B NDP E . 16.70 -2.19 8.45
N9A NDP E . 15.91 -1.06 8.92
C8A NDP E . 14.87 -1.07 9.85
N7A NDP E . 14.35 0.16 10.08
C5A NDP E . 15.13 1.01 9.27
C6A NDP E . 15.08 2.39 9.06
N6A NDP E . 14.16 3.15 9.74
N1A NDP E . 15.95 3.01 8.21
C2A NDP E . 16.84 2.16 7.57
N3A NDP E . 17.00 0.84 7.67
C4A NDP E . 16.11 0.26 8.54
O3 NDP E . 15.47 -6.61 11.51
PN NDP E . 15.14 -7.42 12.85
O1N NDP E . 16.04 -6.95 13.92
O2N NDP E . 13.67 -7.71 13.06
O5D NDP E . 15.76 -9.06 12.61
P2B NDP E . 19.78 -2.77 11.01
O1X NDP E . 20.73 -3.29 9.99
O2X NDP E . 18.90 -3.77 11.76
O3X NDP E . 20.18 -1.51 11.74
#